data_110D
# 
_entry.id   110D 
# 
_audit_conform.dict_name       mmcif_pdbx.dic 
_audit_conform.dict_version    5.385 
_audit_conform.dict_location   http://mmcif.pdb.org/dictionaries/ascii/mmcif_pdbx.dic 
# 
loop_
_database_2.database_id 
_database_2.database_code 
_database_2.pdbx_database_accession 
_database_2.pdbx_DOI 
PDB   110D         pdb_0000110d 10.2210/pdb110d/pdb 
RCSB  DDF039       ?            ?                   
WWPDB D_1000170027 ?            ?                   
# 
loop_
_pdbx_audit_revision_history.ordinal 
_pdbx_audit_revision_history.data_content_type 
_pdbx_audit_revision_history.major_revision 
_pdbx_audit_revision_history.minor_revision 
_pdbx_audit_revision_history.revision_date 
1 'Structure model' 1 0 1993-04-15 
2 'Structure model' 1 1 2008-05-22 
3 'Structure model' 1 2 2011-07-13 
4 'Structure model' 1 3 2024-02-07 
# 
_pdbx_audit_revision_details.ordinal             1 
_pdbx_audit_revision_details.revision_ordinal    1 
_pdbx_audit_revision_details.data_content_type   'Structure model' 
_pdbx_audit_revision_details.provider            repository 
_pdbx_audit_revision_details.type                'Initial release' 
_pdbx_audit_revision_details.description         ? 
_pdbx_audit_revision_details.details             ? 
# 
loop_
_pdbx_audit_revision_group.ordinal 
_pdbx_audit_revision_group.revision_ordinal 
_pdbx_audit_revision_group.data_content_type 
_pdbx_audit_revision_group.group 
1 2 'Structure model' 'Version format compliance' 
2 3 'Structure model' 'Version format compliance' 
3 4 'Structure model' 'Data collection'           
4 4 'Structure model' 'Database references'       
5 4 'Structure model' 'Derived calculations'      
# 
loop_
_pdbx_audit_revision_category.ordinal 
_pdbx_audit_revision_category.revision_ordinal 
_pdbx_audit_revision_category.data_content_type 
_pdbx_audit_revision_category.category 
1 4 'Structure model' chem_comp_atom 
2 4 'Structure model' chem_comp_bond 
3 4 'Structure model' database_2     
4 4 'Structure model' struct_site    
# 
loop_
_pdbx_audit_revision_item.ordinal 
_pdbx_audit_revision_item.revision_ordinal 
_pdbx_audit_revision_item.data_content_type 
_pdbx_audit_revision_item.item 
1 4 'Structure model' '_database_2.pdbx_DOI'                
2 4 'Structure model' '_database_2.pdbx_database_accession' 
3 4 'Structure model' '_struct_site.pdbx_auth_asym_id'      
4 4 'Structure model' '_struct_site.pdbx_auth_comp_id'      
5 4 'Structure model' '_struct_site.pdbx_auth_seq_id'       
# 
_pdbx_database_status.status_code                     REL 
_pdbx_database_status.entry_id                        110D 
_pdbx_database_status.recvd_initial_deposition_date   1993-01-21 
_pdbx_database_status.deposit_site                    BNL 
_pdbx_database_status.process_site                    NDB 
_pdbx_database_status.status_code_sf                  REL 
_pdbx_database_status.status_code_mr                  ? 
_pdbx_database_status.SG_entry                        ? 
_pdbx_database_status.pdb_format_compatible           Y 
_pdbx_database_status.status_code_cs                  ? 
_pdbx_database_status.status_code_nmr_data            ? 
_pdbx_database_status.methods_development_category    ? 
# 
loop_
_audit_author.name 
_audit_author.pdbx_ordinal 
'Leonard, G.A.'     1 
'Hambley, T.W.'     2 
'McAuley-Hecht, K.' 3 
'Brown, T.'         4 
'Hunter, W.N.'      5 
# 
_citation.id                        primary 
_citation.title                     
;Anthracycline-DNA interactions at unfavourable base-pair triplet-binding sites: structures of d(CGGCCG)/daunomycin and d(TGGCCA)/adriamycin complexes.
;
_citation.journal_abbrev            'Acta Crystallogr.,Sect.D' 
_citation.journal_volume            49 
_citation.page_first                458 
_citation.page_last                 467 
_citation.year                      1993 
_citation.journal_id_ASTM           ABCRE6 
_citation.country                   DK 
_citation.journal_id_ISSN           0907-4449 
_citation.journal_id_CSD            0766 
_citation.book_publisher            ? 
_citation.pdbx_database_id_PubMed   15299505 
_citation.pdbx_database_id_DOI      10.1107/S090744499300527X 
# 
loop_
_citation_author.citation_id 
_citation_author.name 
_citation_author.ordinal 
_citation_author.identifier_ORCID 
primary 'Leonard, G.A.'     1 ? 
primary 'Hambley, T.W.'     2 ? 
primary 'McAuley-Hecht, K.' 3 ? 
primary 'Brown, T.'         4 ? 
primary 'Hunter, W.N.'      5 ? 
# 
loop_
_entity.id 
_entity.type 
_entity.src_method 
_entity.pdbx_description 
_entity.formula_weight 
_entity.pdbx_number_of_molecules 
_entity.pdbx_ec 
_entity.pdbx_mutation 
_entity.pdbx_fragment 
_entity.details 
1 polymer     syn 
;DNA (5'-D(*CP*GP*GP*CP*CP*G)-3')
;
1810.205 1  ? ? ? ? 
2 non-polymer syn DAUNOMYCIN                         527.520  1  ? ? ? ? 
3 water       nat water                              18.015   49 ? ? ? ? 
# 
_entity_poly.entity_id                      1 
_entity_poly.type                           polydeoxyribonucleotide 
_entity_poly.nstd_linkage                   no 
_entity_poly.nstd_monomer                   no 
_entity_poly.pdbx_seq_one_letter_code       '(DC)(DG)(DG)(DC)(DC)(DG)' 
_entity_poly.pdbx_seq_one_letter_code_can   CGGCCG 
_entity_poly.pdbx_strand_id                 A 
_entity_poly.pdbx_target_identifier         ? 
# 
loop_
_pdbx_entity_nonpoly.entity_id 
_pdbx_entity_nonpoly.name 
_pdbx_entity_nonpoly.comp_id 
2 DAUNOMYCIN DM1 
3 water      HOH 
# 
loop_
_entity_poly_seq.entity_id 
_entity_poly_seq.num 
_entity_poly_seq.mon_id 
_entity_poly_seq.hetero 
1 1 DC n 
1 2 DG n 
1 3 DG n 
1 4 DC n 
1 5 DC n 
1 6 DG n 
# 
loop_
_chem_comp.id 
_chem_comp.type 
_chem_comp.mon_nstd_flag 
_chem_comp.name 
_chem_comp.pdbx_synonyms 
_chem_comp.formula 
_chem_comp.formula_weight 
DC  'DNA linking' y "2'-DEOXYCYTIDINE-5'-MONOPHOSPHATE"  ?            'C9 H14 N3 O7 P'  307.197 
DG  'DNA linking' y "2'-DEOXYGUANOSINE-5'-MONOPHOSPHATE" ?            'C10 H14 N5 O7 P' 347.221 
DM1 non-polymer   . DAUNOMYCIN                           DAUNORUBICIN 'C27 H29 N O10'   527.520 
HOH non-polymer   . WATER                                ?            'H2 O'            18.015  
# 
loop_
_pdbx_poly_seq_scheme.asym_id 
_pdbx_poly_seq_scheme.entity_id 
_pdbx_poly_seq_scheme.seq_id 
_pdbx_poly_seq_scheme.mon_id 
_pdbx_poly_seq_scheme.ndb_seq_num 
_pdbx_poly_seq_scheme.pdb_seq_num 
_pdbx_poly_seq_scheme.auth_seq_num 
_pdbx_poly_seq_scheme.pdb_mon_id 
_pdbx_poly_seq_scheme.auth_mon_id 
_pdbx_poly_seq_scheme.pdb_strand_id 
_pdbx_poly_seq_scheme.pdb_ins_code 
_pdbx_poly_seq_scheme.hetero 
A 1 1 DC 1 1 1 DC C A . n 
A 1 2 DG 2 2 2 DG G A . n 
A 1 3 DG 3 3 3 DG G A . n 
A 1 4 DC 4 4 4 DC C A . n 
A 1 5 DC 5 5 5 DC C A . n 
A 1 6 DG 6 6 6 DG G A . n 
# 
loop_
_pdbx_nonpoly_scheme.asym_id 
_pdbx_nonpoly_scheme.entity_id 
_pdbx_nonpoly_scheme.mon_id 
_pdbx_nonpoly_scheme.ndb_seq_num 
_pdbx_nonpoly_scheme.pdb_seq_num 
_pdbx_nonpoly_scheme.auth_seq_num 
_pdbx_nonpoly_scheme.pdb_mon_id 
_pdbx_nonpoly_scheme.auth_mon_id 
_pdbx_nonpoly_scheme.pdb_strand_id 
_pdbx_nonpoly_scheme.pdb_ins_code 
B 2 DM1 1  7  7  DM1 DM1 A . 
C 3 HOH 1  8  8  HOH HOH A . 
C 3 HOH 2  9  9  HOH HOH A . 
C 3 HOH 3  10 10 HOH HOH A . 
C 3 HOH 4  11 11 HOH HOH A . 
C 3 HOH 5  12 12 HOH HOH A . 
C 3 HOH 6  13 13 HOH HOH A . 
C 3 HOH 7  14 14 HOH HOH A . 
C 3 HOH 8  15 15 HOH HOH A . 
C 3 HOH 9  16 16 HOH HOH A . 
C 3 HOH 10 17 17 HOH HOH A . 
C 3 HOH 11 18 18 HOH HOH A . 
C 3 HOH 12 19 19 HOH HOH A . 
C 3 HOH 13 20 20 HOH HOH A . 
C 3 HOH 14 21 21 HOH HOH A . 
C 3 HOH 15 22 22 HOH HOH A . 
C 3 HOH 16 23 23 HOH HOH A . 
C 3 HOH 17 24 24 HOH HOH A . 
C 3 HOH 18 25 25 HOH HOH A . 
C 3 HOH 19 26 26 HOH HOH A . 
C 3 HOH 20 27 27 HOH HOH A . 
C 3 HOH 21 28 28 HOH HOH A . 
C 3 HOH 22 29 29 HOH HOH A . 
C 3 HOH 23 30 30 HOH HOH A . 
C 3 HOH 24 31 31 HOH HOH A . 
C 3 HOH 25 32 32 HOH HOH A . 
C 3 HOH 26 33 33 HOH HOH A . 
C 3 HOH 27 34 34 HOH HOH A . 
C 3 HOH 28 35 35 HOH HOH A . 
C 3 HOH 29 36 36 HOH HOH A . 
C 3 HOH 30 37 37 HOH HOH A . 
C 3 HOH 31 38 38 HOH HOH A . 
C 3 HOH 32 39 39 HOH HOH A . 
C 3 HOH 33 40 40 HOH HOH A . 
C 3 HOH 34 41 41 HOH HOH A . 
C 3 HOH 35 42 42 HOH HOH A . 
C 3 HOH 36 43 43 HOH HOH A . 
C 3 HOH 37 44 44 HOH HOH A . 
C 3 HOH 38 45 45 HOH HOH A . 
C 3 HOH 39 46 46 HOH HOH A . 
C 3 HOH 40 47 47 HOH HOH A . 
C 3 HOH 41 48 48 HOH HOH A . 
C 3 HOH 42 49 49 HOH HOH A . 
C 3 HOH 43 50 50 HOH HOH A . 
C 3 HOH 44 51 51 HOH HOH A . 
C 3 HOH 45 52 52 HOH HOH A . 
C 3 HOH 46 53 53 HOH HOH A . 
C 3 HOH 47 54 54 HOH HOH A . 
C 3 HOH 48 55 55 HOH HOH A . 
C 3 HOH 49 56 56 HOH HOH A . 
# 
_software.name             NUCLSQ 
_software.classification   refinement 
_software.version          . 
_software.citation_id      ? 
_software.pdbx_ordinal     1 
# 
_cell.entry_id           110D 
_cell.length_a           28.070 
_cell.length_b           28.070 
_cell.length_c           53.350 
_cell.angle_alpha        90.00 
_cell.angle_beta         90.00 
_cell.angle_gamma        90.00 
_cell.Z_PDB              8 
_cell.pdbx_unique_axis   ? 
# 
_symmetry.entry_id                         110D 
_symmetry.space_group_name_H-M             'P 41 21 2' 
_symmetry.pdbx_full_space_group_name_H-M   ? 
_symmetry.cell_setting                     ? 
_symmetry.Int_Tables_number                92 
# 
_exptl.entry_id          110D 
_exptl.method            'X-RAY DIFFRACTION' 
_exptl.crystals_number   ? 
# 
_exptl_crystal.id                    1 
_exptl_crystal.density_meas          ? 
_exptl_crystal.density_Matthews      2.90 
_exptl_crystal.density_percent_sol   57.63 
_exptl_crystal.description           ? 
# 
_exptl_crystal_grow.crystal_id      1 
_exptl_crystal_grow.method          'VAPOR DIFFUSION, SITTING DROP' 
_exptl_crystal_grow.temp            277.00 
_exptl_crystal_grow.temp_details    ? 
_exptl_crystal_grow.pH              6.60 
_exptl_crystal_grow.pdbx_details    'pH 6.60, VAPOR DIFFUSION, SITTING DROP, temperature 277.00K' 
_exptl_crystal_grow.pdbx_pH_range   ? 
# 
loop_
_exptl_crystal_grow_comp.crystal_id 
_exptl_crystal_grow_comp.id 
_exptl_crystal_grow_comp.sol_id 
_exptl_crystal_grow_comp.name 
_exptl_crystal_grow_comp.volume 
_exptl_crystal_grow_comp.conc 
_exptl_crystal_grow_comp.details 
1 1 1 WATER        ? ? ? 
1 2 1 MPD          ? ? ? 
1 3 1 MGCL2        ? ? ? 
1 4 1 SPERMINE_HCL ? ? ? 
1 5 2 WATER        ? ? ? 
1 6 2 MPD          ? ? ? 
# 
_diffrn.id                     1 
_diffrn.ambient_temp           ? 
_diffrn.ambient_temp_details   'ROOM TEMPERATURE' 
_diffrn.crystal_id             1 
# 
_diffrn_detector.diffrn_id              1 
_diffrn_detector.detector               DIFFRACTOMETER 
_diffrn_detector.type                   'RIGAKU AFC-5R' 
_diffrn_detector.pdbx_collection_date   ? 
_diffrn_detector.details                ? 
# 
_diffrn_radiation.diffrn_id                        1 
_diffrn_radiation.wavelength_id                    1 
_diffrn_radiation.pdbx_monochromatic_or_laue_m_l   ? 
_diffrn_radiation.monochromator                    ? 
_diffrn_radiation.pdbx_diffrn_protocol             ? 
_diffrn_radiation.pdbx_scattering_type             x-ray 
# 
_diffrn_radiation_wavelength.id           1 
_diffrn_radiation_wavelength.wavelength   . 
_diffrn_radiation_wavelength.wt           1.0 
# 
_diffrn_source.diffrn_id                   1 
_diffrn_source.source                      'ROTATING ANODE' 
_diffrn_source.type                        'RIGAKU RU200' 
_diffrn_source.pdbx_synchrotron_site       ? 
_diffrn_source.pdbx_synchrotron_beamline   ? 
_diffrn_source.pdbx_wavelength             ? 
_diffrn_source.pdbx_wavelength_list        ? 
# 
_reflns.entry_id                     110D 
_reflns.observed_criterion_sigma_I   ? 
_reflns.observed_criterion_sigma_F   ? 
_reflns.d_resolution_low             ? 
_reflns.d_resolution_high            1.900 
_reflns.number_obs                   1742 
_reflns.number_all                   3252 
_reflns.percent_possible_obs         ? 
_reflns.pdbx_Rmerge_I_obs            ? 
_reflns.pdbx_Rsym_value              ? 
_reflns.pdbx_netI_over_sigmaI        ? 
_reflns.B_iso_Wilson_estimate        ? 
_reflns.pdbx_redundancy              ? 
_reflns.pdbx_diffrn_id               1 
_reflns.pdbx_ordinal                 1 
# 
_refine.entry_id                                 110D 
_refine.ls_number_reflns_obs                     1108 
_refine.ls_number_reflns_all                     ? 
_refine.pdbx_ls_sigma_I                          ? 
_refine.pdbx_ls_sigma_F                          2.000 
_refine.pdbx_data_cutoff_high_absF               ? 
_refine.pdbx_data_cutoff_low_absF                ? 
_refine.pdbx_data_cutoff_high_rms_absF           ? 
_refine.ls_d_res_low                             7.000 
_refine.ls_d_res_high                            1.900 
_refine.ls_percent_reflns_obs                    ? 
_refine.ls_R_factor_obs                          0.2080000 
_refine.ls_R_factor_all                          ? 
_refine.ls_R_factor_R_work                       ? 
_refine.ls_R_factor_R_free                       ? 
_refine.ls_R_factor_R_free_error                 ? 
_refine.ls_R_factor_R_free_error_details         ? 
_refine.ls_percent_reflns_R_free                 ? 
_refine.ls_number_reflns_R_free                  ? 
_refine.ls_number_parameters                     ? 
_refine.ls_number_restraints                     ? 
_refine.occupancy_min                            ? 
_refine.occupancy_max                            ? 
_refine.B_iso_mean                               ? 
_refine.aniso_B[1][1]                            ? 
_refine.aniso_B[2][2]                            ? 
_refine.aniso_B[3][3]                            ? 
_refine.aniso_B[1][2]                            ? 
_refine.aniso_B[1][3]                            ? 
_refine.aniso_B[2][3]                            ? 
_refine.solvent_model_details                    ? 
_refine.solvent_model_param_ksol                 ? 
_refine.solvent_model_param_bsol                 ? 
_refine.pdbx_ls_cross_valid_method               ? 
_refine.details                                  ? 
_refine.pdbx_starting_model                      ? 
_refine.pdbx_method_to_determine_struct          ? 
_refine.pdbx_isotropic_thermal_model             ? 
_refine.pdbx_stereochemistry_target_values       ? 
_refine.pdbx_stereochem_target_val_spec_case     ? 
_refine.pdbx_R_Free_selection_details            ? 
_refine.pdbx_overall_ESU_R                       ? 
_refine.pdbx_overall_ESU_R_Free                  ? 
_refine.overall_SU_ML                            ? 
_refine.overall_SU_B                             ? 
_refine.pdbx_refine_id                           'X-RAY DIFFRACTION' 
_refine.pdbx_diffrn_id                           1 
_refine.pdbx_TLS_residual_ADP_flag               ? 
_refine.correlation_coeff_Fo_to_Fc               ? 
_refine.correlation_coeff_Fo_to_Fc_free          ? 
_refine.pdbx_solvent_vdw_probe_radii             ? 
_refine.pdbx_solvent_ion_probe_radii             ? 
_refine.pdbx_solvent_shrinkage_radii             ? 
_refine.pdbx_overall_phase_error                 ? 
_refine.overall_SU_R_Cruickshank_DPI             ? 
_refine.pdbx_overall_SU_R_free_Cruickshank_DPI   ? 
_refine.pdbx_overall_SU_R_Blow_DPI               ? 
_refine.pdbx_overall_SU_R_free_Blow_DPI          ? 
# 
_refine_hist.pdbx_refine_id                   'X-RAY DIFFRACTION' 
_refine_hist.cycle_id                         LAST 
_refine_hist.pdbx_number_atoms_protein        0 
_refine_hist.pdbx_number_atoms_nucleic_acid   120 
_refine_hist.pdbx_number_atoms_ligand         38 
_refine_hist.number_atoms_solvent             49 
_refine_hist.number_atoms_total               207 
_refine_hist.d_res_high                       1.900 
_refine_hist.d_res_low                        7.000 
# 
loop_
_refine_ls_restr.type 
_refine_ls_restr.dev_ideal 
_refine_ls_restr.dev_ideal_target 
_refine_ls_restr.weight 
_refine_ls_restr.number 
_refine_ls_restr.pdbx_refine_id 
_refine_ls_restr.pdbx_restraint_function 
n_bond_d               ?      ?     ? ? 'X-RAY DIFFRACTION' ? 
n_angle_d              ?      ?     ? ? 'X-RAY DIFFRACTION' ? 
n_planar_d             ?      ?     ? ? 'X-RAY DIFFRACTION' ? 
n_hb_or_metal_coord    ?      ?     ? ? 'X-RAY DIFFRACTION' ? 
n_sugar_bond_it        9.900  8.000 ? ? 'X-RAY DIFFRACTION' ? 
n_sugar_angle_it       12.400 12.00 ? ? 'X-RAY DIFFRACTION' ? 
n_phos_bond_it         12.600 12.00 ? ? 'X-RAY DIFFRACTION' ? 
n_phos_angle_it        14.240 12.00 ? ? 'X-RAY DIFFRACTION' ? 
n_bond_angle_restr     ?      ?     ? ? 'X-RAY DIFFRACTION' ? 
n_dihedral_angle_restr ?      ?     ? ? 'X-RAY DIFFRACTION' ? 
n_impr_tor             ?      ?     ? ? 'X-RAY DIFFRACTION' ? 
n_sugar_bond_d         0.022  0.017 ? ? 'X-RAY DIFFRACTION' ? 
n_sugar_bond_angle_d   0.054  0.030 ? ? 'X-RAY DIFFRACTION' ? 
n_phos_bond_d          0.040  0.025 ? ? 'X-RAY DIFFRACTION' ? 
n_phos_bond_angle_d    0.062  0.030 ? ? 'X-RAY DIFFRACTION' ? 
n_plane_restr          0.016  0.015 ? ? 'X-RAY DIFFRACTION' ? 
n_chiral_restr         ?      ?     ? ? 'X-RAY DIFFRACTION' ? 
n_singtor_nbd          0.069  0.063 ? ? 'X-RAY DIFFRACTION' ? 
n_multtor_nbd          0.135  0.063 ? ? 'X-RAY DIFFRACTION' ? 
n_xhyhbond_nbd         ?      ?     ? ? 'X-RAY DIFFRACTION' ? 
# 
_struct.entry_id                  110D 
_struct.title                     
;ANTHRACYCLINE-DNA INTERACTIONS AT UNFAVOURABLE BASE BASE-PAIR TRIPLET-BINDING SITES: STRUCTURES OF D(CGGCCG)/DAUNOMYCIN AND D(TGGCCA)/ADRIAMYCIN COMPL
;
_struct.pdbx_model_details        ? 
_struct.pdbx_CASP_flag            ? 
_struct.pdbx_model_type_details   ? 
# 
_struct_keywords.entry_id        110D 
_struct_keywords.pdbx_keywords   DNA 
_struct_keywords.text            'RIGHT HANDED DNA, DOUBLE HELIX, COMPLEXED WITH DRUG, DNA' 
# 
loop_
_struct_asym.id 
_struct_asym.pdbx_blank_PDB_chainid_flag 
_struct_asym.pdbx_modified 
_struct_asym.entity_id 
_struct_asym.details 
A N N 1 ? 
B N N 2 ? 
C N N 3 ? 
# 
_struct_ref.id                         1 
_struct_ref.entity_id                  1 
_struct_ref.db_name                    PDB 
_struct_ref.db_code                    110D 
_struct_ref.pdbx_db_accession          110D 
_struct_ref.pdbx_db_isoform            ? 
_struct_ref.pdbx_seq_one_letter_code   ? 
_struct_ref.pdbx_align_begin           ? 
# 
_struct_ref_seq.align_id                      1 
_struct_ref_seq.ref_id                        1 
_struct_ref_seq.pdbx_PDB_id_code              110D 
_struct_ref_seq.pdbx_strand_id                A 
_struct_ref_seq.seq_align_beg                 1 
_struct_ref_seq.pdbx_seq_align_beg_ins_code   ? 
_struct_ref_seq.seq_align_end                 6 
_struct_ref_seq.pdbx_seq_align_end_ins_code   ? 
_struct_ref_seq.pdbx_db_accession             110D 
_struct_ref_seq.db_align_beg                  1 
_struct_ref_seq.pdbx_db_align_beg_ins_code    ? 
_struct_ref_seq.db_align_end                  6 
_struct_ref_seq.pdbx_db_align_end_ins_code    ? 
_struct_ref_seq.pdbx_auth_seq_align_beg       1 
_struct_ref_seq.pdbx_auth_seq_align_end       6 
# 
_pdbx_struct_assembly.id                   1 
_pdbx_struct_assembly.details              author_defined_assembly 
_pdbx_struct_assembly.method_details       ? 
_pdbx_struct_assembly.oligomeric_details   dimeric 
_pdbx_struct_assembly.oligomeric_count     2 
# 
_pdbx_struct_assembly_gen.assembly_id       1 
_pdbx_struct_assembly_gen.oper_expression   1,2 
_pdbx_struct_assembly_gen.asym_id_list      A,B,C 
# 
loop_
_pdbx_struct_oper_list.id 
_pdbx_struct_oper_list.type 
_pdbx_struct_oper_list.name 
_pdbx_struct_oper_list.symmetry_operation 
_pdbx_struct_oper_list.matrix[1][1] 
_pdbx_struct_oper_list.matrix[1][2] 
_pdbx_struct_oper_list.matrix[1][3] 
_pdbx_struct_oper_list.vector[1] 
_pdbx_struct_oper_list.matrix[2][1] 
_pdbx_struct_oper_list.matrix[2][2] 
_pdbx_struct_oper_list.matrix[2][3] 
_pdbx_struct_oper_list.vector[2] 
_pdbx_struct_oper_list.matrix[3][1] 
_pdbx_struct_oper_list.matrix[3][2] 
_pdbx_struct_oper_list.matrix[3][3] 
_pdbx_struct_oper_list.vector[3] 
1 'identity operation'         1_555 x,y,z        1.0000000000  0.0000000000  0.0000000000 0.0000000000 0.0000000000  1.0000000000  0.0000000000  0.0000000000  0.0000000000 0.0000000000  1.0000000000 0.0000000000  
2 'crystal symmetry operation' 8_555 -y,-x,-z+1/2 -0.9126239128 -0.0825864584 0.4003711662 6.7671562431 -0.0825864584 -0.9219406210 -0.3784243230 -1.8317872784 0.4003711662 -0.3784243230 0.8345645338 -1.8547001401 
# 
_struct_biol.id   1 
# 
loop_
_struct_conn.id 
_struct_conn.conn_type_id 
_struct_conn.pdbx_leaving_atom_flag 
_struct_conn.pdbx_PDB_id 
_struct_conn.ptnr1_label_asym_id 
_struct_conn.ptnr1_label_comp_id 
_struct_conn.ptnr1_label_seq_id 
_struct_conn.ptnr1_label_atom_id 
_struct_conn.pdbx_ptnr1_label_alt_id 
_struct_conn.pdbx_ptnr1_PDB_ins_code 
_struct_conn.pdbx_ptnr1_standard_comp_id 
_struct_conn.ptnr1_symmetry 
_struct_conn.ptnr2_label_asym_id 
_struct_conn.ptnr2_label_comp_id 
_struct_conn.ptnr2_label_seq_id 
_struct_conn.ptnr2_label_atom_id 
_struct_conn.pdbx_ptnr2_label_alt_id 
_struct_conn.pdbx_ptnr2_PDB_ins_code 
_struct_conn.ptnr1_auth_asym_id 
_struct_conn.ptnr1_auth_comp_id 
_struct_conn.ptnr1_auth_seq_id 
_struct_conn.ptnr2_auth_asym_id 
_struct_conn.ptnr2_auth_comp_id 
_struct_conn.ptnr2_auth_seq_id 
_struct_conn.ptnr2_symmetry 
_struct_conn.pdbx_ptnr3_label_atom_id 
_struct_conn.pdbx_ptnr3_label_seq_id 
_struct_conn.pdbx_ptnr3_label_comp_id 
_struct_conn.pdbx_ptnr3_label_asym_id 
_struct_conn.pdbx_ptnr3_label_alt_id 
_struct_conn.pdbx_ptnr3_PDB_ins_code 
_struct_conn.details 
_struct_conn.pdbx_dist_value 
_struct_conn.pdbx_value_order 
_struct_conn.pdbx_role 
hydrog1  hydrog ? ? A DC 1 N3 ? ? ? 1_555 A DG 6 N1 ? ? A DC 1 A DG 6 8_555 ? ? ? ? ? ? WATSON-CRICK ? ? ? 
hydrog2  hydrog ? ? A DC 1 N4 ? ? ? 1_555 A DG 6 O6 ? ? A DC 1 A DG 6 8_555 ? ? ? ? ? ? WATSON-CRICK ? ? ? 
hydrog3  hydrog ? ? A DC 1 O2 ? ? ? 1_555 A DG 6 N2 ? ? A DC 1 A DG 6 8_555 ? ? ? ? ? ? WATSON-CRICK ? ? ? 
hydrog4  hydrog ? ? A DG 2 N1 ? ? ? 1_555 A DC 5 N3 ? ? A DG 2 A DC 5 8_555 ? ? ? ? ? ? WATSON-CRICK ? ? ? 
hydrog5  hydrog ? ? A DG 2 N2 ? ? ? 1_555 A DC 5 O2 ? ? A DG 2 A DC 5 8_555 ? ? ? ? ? ? WATSON-CRICK ? ? ? 
hydrog6  hydrog ? ? A DG 2 O6 ? ? ? 1_555 A DC 5 N4 ? ? A DG 2 A DC 5 8_555 ? ? ? ? ? ? WATSON-CRICK ? ? ? 
hydrog7  hydrog ? ? A DG 3 N1 ? ? ? 1_555 A DC 4 N3 ? ? A DG 3 A DC 4 8_555 ? ? ? ? ? ? WATSON-CRICK ? ? ? 
hydrog8  hydrog ? ? A DG 3 N2 ? ? ? 1_555 A DC 4 O2 ? ? A DG 3 A DC 4 8_555 ? ? ? ? ? ? WATSON-CRICK ? ? ? 
hydrog9  hydrog ? ? A DG 3 O6 ? ? ? 1_555 A DC 4 N4 ? ? A DG 3 A DC 4 8_555 ? ? ? ? ? ? WATSON-CRICK ? ? ? 
hydrog10 hydrog ? ? A DC 4 N3 ? ? ? 1_555 A DG 3 N1 ? ? A DC 4 A DG 3 8_555 ? ? ? ? ? ? WATSON-CRICK ? ? ? 
hydrog11 hydrog ? ? A DC 4 N4 ? ? ? 1_555 A DG 3 O6 ? ? A DC 4 A DG 3 8_555 ? ? ? ? ? ? WATSON-CRICK ? ? ? 
hydrog12 hydrog ? ? A DC 4 O2 ? ? ? 1_555 A DG 3 N2 ? ? A DC 4 A DG 3 8_555 ? ? ? ? ? ? WATSON-CRICK ? ? ? 
hydrog13 hydrog ? ? A DC 5 N3 ? ? ? 1_555 A DG 2 N1 ? ? A DC 5 A DG 2 8_555 ? ? ? ? ? ? WATSON-CRICK ? ? ? 
hydrog14 hydrog ? ? A DC 5 N4 ? ? ? 1_555 A DG 2 O6 ? ? A DC 5 A DG 2 8_555 ? ? ? ? ? ? WATSON-CRICK ? ? ? 
hydrog15 hydrog ? ? A DC 5 O2 ? ? ? 1_555 A DG 2 N2 ? ? A DC 5 A DG 2 8_555 ? ? ? ? ? ? WATSON-CRICK ? ? ? 
hydrog16 hydrog ? ? A DG 6 N1 ? ? ? 1_555 A DC 1 N3 ? ? A DG 6 A DC 1 8_555 ? ? ? ? ? ? WATSON-CRICK ? ? ? 
hydrog17 hydrog ? ? A DG 6 N2 ? ? ? 1_555 A DC 1 O2 ? ? A DG 6 A DC 1 8_555 ? ? ? ? ? ? WATSON-CRICK ? ? ? 
hydrog18 hydrog ? ? A DG 6 O6 ? ? ? 1_555 A DC 1 N4 ? ? A DG 6 A DC 1 8_555 ? ? ? ? ? ? WATSON-CRICK ? ? ? 
# 
_struct_conn_type.id          hydrog 
_struct_conn_type.criteria    ? 
_struct_conn_type.reference   ? 
# 
loop_
_struct_site.id 
_struct_site.pdbx_evidence_code 
_struct_site.pdbx_auth_asym_id 
_struct_site.pdbx_auth_comp_id 
_struct_site.pdbx_auth_seq_id 
_struct_site.pdbx_auth_ins_code 
_struct_site.pdbx_num_residues 
_struct_site.details 
AC1 Software A DM1 7 ? 8 'BINDING SITE FOR RESIDUE DM1 A 7' 
1   ?        ? ?   ? ? ? ?                                  
# 
loop_
_struct_site_gen.id 
_struct_site_gen.site_id 
_struct_site_gen.pdbx_num_res 
_struct_site_gen.label_comp_id 
_struct_site_gen.label_asym_id 
_struct_site_gen.label_seq_id 
_struct_site_gen.pdbx_auth_ins_code 
_struct_site_gen.auth_comp_id 
_struct_site_gen.auth_asym_id 
_struct_site_gen.auth_seq_id 
_struct_site_gen.label_atom_id 
_struct_site_gen.label_alt_id 
_struct_site_gen.symmetry 
_struct_site_gen.details 
1 AC1 8 DC  A 1 ? DC  A 1  . ? 8_555 ? 
2 AC1 8 DG  A 2 ? DG  A 2  . ? 8_555 ? 
3 AC1 8 DG  A 3 ? DG  A 3  . ? 8_555 ? 
4 AC1 8 DC  A 5 ? DC  A 5  . ? 1_555 ? 
5 AC1 8 DG  A 6 ? DG  A 6  . ? 1_555 ? 
6 AC1 8 HOH C . ? HOH A 34 . ? 1_555 ? 
7 AC1 8 HOH C . ? HOH A 36 . ? 1_555 ? 
8 AC1 8 HOH C . ? HOH A 50 . ? 1_555 ? 
# 
_pdbx_validate_symm_contact.id                1 
_pdbx_validate_symm_contact.PDB_model_num     1 
_pdbx_validate_symm_contact.auth_atom_id_1    O 
_pdbx_validate_symm_contact.auth_asym_id_1    A 
_pdbx_validate_symm_contact.auth_comp_id_1    HOH 
_pdbx_validate_symm_contact.auth_seq_id_1     37 
_pdbx_validate_symm_contact.PDB_ins_code_1    ? 
_pdbx_validate_symm_contact.label_alt_id_1    ? 
_pdbx_validate_symm_contact.site_symmetry_1   1_555 
_pdbx_validate_symm_contact.auth_atom_id_2    O 
_pdbx_validate_symm_contact.auth_asym_id_2    A 
_pdbx_validate_symm_contact.auth_comp_id_2    HOH 
_pdbx_validate_symm_contact.auth_seq_id_2     43 
_pdbx_validate_symm_contact.PDB_ins_code_2    ? 
_pdbx_validate_symm_contact.label_alt_id_2    ? 
_pdbx_validate_symm_contact.site_symmetry_2   5_445 
_pdbx_validate_symm_contact.dist              2.04 
# 
loop_
_pdbx_validate_rmsd_bond.id 
_pdbx_validate_rmsd_bond.PDB_model_num 
_pdbx_validate_rmsd_bond.auth_atom_id_1 
_pdbx_validate_rmsd_bond.auth_asym_id_1 
_pdbx_validate_rmsd_bond.auth_comp_id_1 
_pdbx_validate_rmsd_bond.auth_seq_id_1 
_pdbx_validate_rmsd_bond.PDB_ins_code_1 
_pdbx_validate_rmsd_bond.label_alt_id_1 
_pdbx_validate_rmsd_bond.auth_atom_id_2 
_pdbx_validate_rmsd_bond.auth_asym_id_2 
_pdbx_validate_rmsd_bond.auth_comp_id_2 
_pdbx_validate_rmsd_bond.auth_seq_id_2 
_pdbx_validate_rmsd_bond.PDB_ins_code_2 
_pdbx_validate_rmsd_bond.label_alt_id_2 
_pdbx_validate_rmsd_bond.bond_value 
_pdbx_validate_rmsd_bond.bond_target_value 
_pdbx_validate_rmsd_bond.bond_deviation 
_pdbx_validate_rmsd_bond.bond_standard_deviation 
_pdbx_validate_rmsd_bond.linker_flag 
1 1 "O3'" A DC 1 ? ? "C3'" A DC 1 ? ? 1.356 1.419 -0.063 0.006 N 
2 1 N3    A DC 1 ? ? C4    A DC 1 ? ? 1.379 1.335 0.044  0.007 N 
3 1 "O4'" A DG 2 ? ? "C4'" A DG 2 ? ? 1.385 1.446 -0.061 0.010 N 
4 1 N7    A DG 3 ? ? C8    A DG 3 ? ? 1.354 1.305 0.049  0.006 N 
5 1 C8    A DG 3 ? ? N9    A DG 3 ? ? 1.329 1.374 -0.045 0.007 N 
6 1 "O4'" A DC 4 ? ? "C4'" A DC 4 ? ? 1.379 1.446 -0.067 0.010 N 
7 1 N1    A DC 4 ? ? C6    A DC 4 ? ? 1.325 1.367 -0.042 0.006 N 
8 1 C2    A DC 4 ? ? N3    A DC 4 ? ? 1.403 1.353 0.050  0.008 N 
9 1 N3    A DC 5 ? ? C4    A DC 5 ? ? 1.293 1.335 -0.042 0.007 N 
# 
loop_
_pdbx_validate_rmsd_angle.id 
_pdbx_validate_rmsd_angle.PDB_model_num 
_pdbx_validate_rmsd_angle.auth_atom_id_1 
_pdbx_validate_rmsd_angle.auth_asym_id_1 
_pdbx_validate_rmsd_angle.auth_comp_id_1 
_pdbx_validate_rmsd_angle.auth_seq_id_1 
_pdbx_validate_rmsd_angle.PDB_ins_code_1 
_pdbx_validate_rmsd_angle.label_alt_id_1 
_pdbx_validate_rmsd_angle.auth_atom_id_2 
_pdbx_validate_rmsd_angle.auth_asym_id_2 
_pdbx_validate_rmsd_angle.auth_comp_id_2 
_pdbx_validate_rmsd_angle.auth_seq_id_2 
_pdbx_validate_rmsd_angle.PDB_ins_code_2 
_pdbx_validate_rmsd_angle.label_alt_id_2 
_pdbx_validate_rmsd_angle.auth_atom_id_3 
_pdbx_validate_rmsd_angle.auth_asym_id_3 
_pdbx_validate_rmsd_angle.auth_comp_id_3 
_pdbx_validate_rmsd_angle.auth_seq_id_3 
_pdbx_validate_rmsd_angle.PDB_ins_code_3 
_pdbx_validate_rmsd_angle.label_alt_id_3 
_pdbx_validate_rmsd_angle.angle_value 
_pdbx_validate_rmsd_angle.angle_target_value 
_pdbx_validate_rmsd_angle.angle_deviation 
_pdbx_validate_rmsd_angle.angle_standard_deviation 
_pdbx_validate_rmsd_angle.linker_flag 
1  1 "O5'" A DC 1 ? ? "C5'" A DC 1 ? ? "C4'" A DC 1 ? ? 104.12 109.40 -5.28  0.80 N 
2  1 "C5'" A DC 1 ? ? "C4'" A DC 1 ? ? "O4'" A DC 1 ? ? 117.69 109.80 7.89   1.10 N 
3  1 N1    A DC 1 ? ? C2    A DC 1 ? ? O2    A DC 1 ? ? 124.75 118.90 5.85   0.60 N 
4  1 N3    A DC 1 ? ? C2    A DC 1 ? ? O2    A DC 1 ? ? 116.12 121.90 -5.78  0.70 N 
5  1 "C3'" A DC 1 ? ? "O3'" A DC 1 ? ? P     A DG 2 ? ? 153.99 119.70 34.29  1.20 Y 
6  1 OP1   A DG 2 ? ? P     A DG 2 ? ? OP2   A DG 2 ? ? 107.21 119.60 -12.39 1.50 N 
7  1 "C3'" A DG 2 ? ? "C2'" A DG 2 ? ? "C1'" A DG 2 ? ? 94.50  102.40 -7.90  0.80 N 
8  1 C6    A DG 2 ? ? N1    A DG 2 ? ? C2    A DG 2 ? ? 118.03 125.10 -7.07  0.60 N 
9  1 N1    A DG 2 ? ? C2    A DG 2 ? ? N3    A DG 2 ? ? 127.73 123.90 3.83   0.60 N 
10 1 C5    A DG 2 ? ? C6    A DG 2 ? ? N1    A DG 2 ? ? 117.99 111.50 6.49   0.50 N 
11 1 C4    A DG 2 ? ? C5    A DG 2 ? ? N7    A DG 2 ? ? 107.01 110.80 -3.79  0.40 N 
12 1 C5    A DG 2 ? ? N7    A DG 2 ? ? C8    A DG 2 ? ? 108.74 104.30 4.44   0.50 N 
13 1 C6    A DG 2 ? ? C5    A DG 2 ? ? N7    A DG 2 ? ? 134.91 130.40 4.51   0.60 N 
14 1 N3    A DG 2 ? ? C2    A DG 2 ? ? N2    A DG 2 ? ? 115.25 119.90 -4.65  0.70 N 
15 1 C5    A DG 2 ? ? C6    A DG 2 ? ? O6    A DG 2 ? ? 124.15 128.60 -4.45  0.60 N 
16 1 "O5'" A DG 3 ? ? "C5'" A DG 3 ? ? "C4'" A DG 3 ? ? 103.89 109.40 -5.51  0.80 N 
17 1 "O4'" A DG 3 ? ? "C1'" A DG 3 ? ? N9    A DG 3 ? ? 112.13 108.30 3.83   0.30 N 
18 1 N1    A DG 3 ? ? C2    A DG 3 ? ? N3    A DG 3 ? ? 127.58 123.90 3.68   0.60 N 
19 1 N1    A DG 3 ? ? C2    A DG 3 ? ? N2    A DG 3 ? ? 110.42 116.20 -5.78  0.90 N 
20 1 N1    A DG 3 ? ? C6    A DG 3 ? ? O6    A DG 3 ? ? 113.98 119.90 -5.92  0.60 N 
21 1 C5    A DG 3 ? ? C6    A DG 3 ? ? O6    A DG 3 ? ? 134.91 128.60 6.31   0.60 N 
22 1 "C3'" A DG 3 ? ? "O3'" A DG 3 ? ? P     A DC 4 ? ? 131.53 119.70 11.83  1.20 Y 
23 1 "O5'" A DC 4 ? ? P     A DC 4 ? ? OP2   A DC 4 ? ? 128.30 110.70 17.60  1.20 N 
24 1 "O4'" A DC 4 ? ? "C1'" A DC 4 ? ? "C2'" A DC 4 ? ? 99.68  105.90 -6.22  0.80 N 
25 1 "O4'" A DC 4 ? ? "C1'" A DC 4 ? ? N1    A DC 4 ? ? 110.79 108.30 2.49   0.30 N 
26 1 N3    A DC 4 ? ? C4    A DC 4 ? ? C5    A DC 4 ? ? 119.12 121.90 -2.78  0.40 N 
27 1 N1    A DC 4 ? ? C2    A DC 4 ? ? O2    A DC 4 ? ? 122.92 118.90 4.02   0.60 N 
28 1 N3    A DC 4 ? ? C2    A DC 4 ? ? O2    A DC 4 ? ? 117.68 121.90 -4.22  0.70 N 
29 1 "O5'" A DC 5 ? ? "C5'" A DC 5 ? ? "C4'" A DC 5 ? ? 100.36 109.40 -9.04  0.80 N 
30 1 "C3'" A DC 5 ? ? "C2'" A DC 5 ? ? "C1'" A DC 5 ? ? 96.52  102.40 -5.88  0.80 N 
31 1 "O4'" A DC 5 ? ? "C1'" A DC 5 ? ? "C2'" A DC 5 ? ? 95.76  105.90 -10.14 0.80 N 
32 1 "O4'" A DC 5 ? ? "C1'" A DC 5 ? ? N1    A DC 5 ? ? 123.71 108.30 15.41  0.30 N 
33 1 N1    A DC 5 ? ? C2    A DC 5 ? ? O2    A DC 5 ? ? 124.90 118.90 6.00   0.60 N 
34 1 "O3'" A DC 5 ? ? P     A DG 6 ? ? "O5'" A DG 6 ? ? 91.90  104.00 -12.10 1.90 Y 
35 1 "O5'" A DG 6 ? ? P     A DG 6 ? ? OP2   A DG 6 ? ? 118.97 110.70 8.27   1.20 N 
36 1 "O5'" A DG 6 ? ? "C5'" A DG 6 ? ? "C4'" A DG 6 ? ? 93.85  109.40 -15.55 0.80 N 
37 1 N1    A DG 6 ? ? C6    A DG 6 ? ? O6    A DG 6 ? ? 116.26 119.90 -3.64  0.60 N 
# 
_struct_site_keywords.site_id   1 
_struct_site_keywords.text      INTERCALATION 
# 
loop_
_refine_B_iso.class 
_refine_B_iso.details 
_refine_B_iso.treatment 
_refine_B_iso.pdbx_refine_id 
'ALL ATOMS'  TR isotropic 'X-RAY DIFFRACTION' 
'ALL WATERS' TR isotropic 'X-RAY DIFFRACTION' 
# 
loop_
_refine_occupancy.class 
_refine_occupancy.treatment 
_refine_occupancy.pdbx_refine_id 
'ALL ATOMS'  fix 'X-RAY DIFFRACTION' 
'ALL WATERS' fix 'X-RAY DIFFRACTION' 
# 
loop_
_chem_comp_atom.comp_id 
_chem_comp_atom.atom_id 
_chem_comp_atom.type_symbol 
_chem_comp_atom.pdbx_aromatic_flag 
_chem_comp_atom.pdbx_stereo_config 
_chem_comp_atom.pdbx_ordinal 
DC  OP3    O N N 1   
DC  P      P N N 2   
DC  OP1    O N N 3   
DC  OP2    O N N 4   
DC  "O5'"  O N N 5   
DC  "C5'"  C N N 6   
DC  "C4'"  C N R 7   
DC  "O4'"  O N N 8   
DC  "C3'"  C N S 9   
DC  "O3'"  O N N 10  
DC  "C2'"  C N N 11  
DC  "C1'"  C N R 12  
DC  N1     N N N 13  
DC  C2     C N N 14  
DC  O2     O N N 15  
DC  N3     N N N 16  
DC  C4     C N N 17  
DC  N4     N N N 18  
DC  C5     C N N 19  
DC  C6     C N N 20  
DC  HOP3   H N N 21  
DC  HOP2   H N N 22  
DC  "H5'"  H N N 23  
DC  "H5''" H N N 24  
DC  "H4'"  H N N 25  
DC  "H3'"  H N N 26  
DC  "HO3'" H N N 27  
DC  "H2'"  H N N 28  
DC  "H2''" H N N 29  
DC  "H1'"  H N N 30  
DC  H41    H N N 31  
DC  H42    H N N 32  
DC  H5     H N N 33  
DC  H6     H N N 34  
DG  OP3    O N N 35  
DG  P      P N N 36  
DG  OP1    O N N 37  
DG  OP2    O N N 38  
DG  "O5'"  O N N 39  
DG  "C5'"  C N N 40  
DG  "C4'"  C N R 41  
DG  "O4'"  O N N 42  
DG  "C3'"  C N S 43  
DG  "O3'"  O N N 44  
DG  "C2'"  C N N 45  
DG  "C1'"  C N R 46  
DG  N9     N Y N 47  
DG  C8     C Y N 48  
DG  N7     N Y N 49  
DG  C5     C Y N 50  
DG  C6     C N N 51  
DG  O6     O N N 52  
DG  N1     N N N 53  
DG  C2     C N N 54  
DG  N2     N N N 55  
DG  N3     N N N 56  
DG  C4     C Y N 57  
DG  HOP3   H N N 58  
DG  HOP2   H N N 59  
DG  "H5'"  H N N 60  
DG  "H5''" H N N 61  
DG  "H4'"  H N N 62  
DG  "H3'"  H N N 63  
DG  "HO3'" H N N 64  
DG  "H2'"  H N N 65  
DG  "H2''" H N N 66  
DG  "H1'"  H N N 67  
DG  H8     H N N 68  
DG  H1     H N N 69  
DG  H21    H N N 70  
DG  H22    H N N 71  
DM1 C1     C Y N 72  
DM1 C2     C Y N 73  
DM1 C3     C Y N 74  
DM1 C4     C Y N 75  
DM1 O4     O N N 76  
DM1 C5     C Y N 77  
DM1 C6     C N N 78  
DM1 O6     O N N 79  
DM1 C7     C Y N 80  
DM1 C8     C Y N 81  
DM1 O8     O N N 82  
DM1 C9     C Y N 83  
DM1 C10    C N S 84  
DM1 O10    O N N 85  
DM1 C11    C N N 86  
DM1 C12    C N S 87  
DM1 O12    O N N 88  
DM1 C13    C N N 89  
DM1 O13    O N N 90  
DM1 C14    C N N 91  
DM1 C15    C N N 92  
DM1 C16    C Y N 93  
DM1 C17    C Y N 94  
DM1 O17    O N N 95  
DM1 C18    C Y N 96  
DM1 C19    C N N 97  
DM1 O19    O N N 98  
DM1 C20    C Y N 99  
DM1 C21    C N N 100 
DM1 "C1'"  C N R 101 
DM1 "C2'"  C N N 102 
DM1 "C3'"  C N S 103 
DM1 "N3'"  N N N 104 
DM1 "C4'"  C N S 105 
DM1 "O4'"  O N N 106 
DM1 "C5'"  C N S 107 
DM1 "O5'"  O N N 108 
DM1 "C6'"  C N N 109 
DM1 H1     H N N 110 
DM1 H2     H N N 111 
DM1 H3     H N N 112 
DM1 HO8    H N N 113 
DM1 H10    H N N 114 
DM1 H111   H N N 115 
DM1 H112   H N N 116 
DM1 HO12   H N N 117 
DM1 H141   H N N 118 
DM1 H142   H N N 119 
DM1 H143   H N N 120 
DM1 H151   H N N 121 
DM1 H152   H N N 122 
DM1 HO17   H N N 123 
DM1 H211   H N N 124 
DM1 H212   H N N 125 
DM1 H213   H N N 126 
DM1 "H1'"  H N N 127 
DM1 "H2'1" H N N 128 
DM1 "H2'2" H N N 129 
DM1 "H3'"  H N N 130 
DM1 "HN'1" H N N 131 
DM1 "HN'2" H N N 132 
DM1 "H4'"  H N N 133 
DM1 "HO4'" H N N 134 
DM1 "H5'"  H N N 135 
DM1 "H6'1" H N N 136 
DM1 "H6'2" H N N 137 
DM1 "H6'3" H N N 138 
HOH O      O N N 139 
HOH H1     H N N 140 
HOH H2     H N N 141 
# 
loop_
_chem_comp_bond.comp_id 
_chem_comp_bond.atom_id_1 
_chem_comp_bond.atom_id_2 
_chem_comp_bond.value_order 
_chem_comp_bond.pdbx_aromatic_flag 
_chem_comp_bond.pdbx_stereo_config 
_chem_comp_bond.pdbx_ordinal 
DC  OP3   P      sing N N 1   
DC  OP3   HOP3   sing N N 2   
DC  P     OP1    doub N N 3   
DC  P     OP2    sing N N 4   
DC  P     "O5'"  sing N N 5   
DC  OP2   HOP2   sing N N 6   
DC  "O5'" "C5'"  sing N N 7   
DC  "C5'" "C4'"  sing N N 8   
DC  "C5'" "H5'"  sing N N 9   
DC  "C5'" "H5''" sing N N 10  
DC  "C4'" "O4'"  sing N N 11  
DC  "C4'" "C3'"  sing N N 12  
DC  "C4'" "H4'"  sing N N 13  
DC  "O4'" "C1'"  sing N N 14  
DC  "C3'" "O3'"  sing N N 15  
DC  "C3'" "C2'"  sing N N 16  
DC  "C3'" "H3'"  sing N N 17  
DC  "O3'" "HO3'" sing N N 18  
DC  "C2'" "C1'"  sing N N 19  
DC  "C2'" "H2'"  sing N N 20  
DC  "C2'" "H2''" sing N N 21  
DC  "C1'" N1     sing N N 22  
DC  "C1'" "H1'"  sing N N 23  
DC  N1    C2     sing N N 24  
DC  N1    C6     sing N N 25  
DC  C2    O2     doub N N 26  
DC  C2    N3     sing N N 27  
DC  N3    C4     doub N N 28  
DC  C4    N4     sing N N 29  
DC  C4    C5     sing N N 30  
DC  N4    H41    sing N N 31  
DC  N4    H42    sing N N 32  
DC  C5    C6     doub N N 33  
DC  C5    H5     sing N N 34  
DC  C6    H6     sing N N 35  
DG  OP3   P      sing N N 36  
DG  OP3   HOP3   sing N N 37  
DG  P     OP1    doub N N 38  
DG  P     OP2    sing N N 39  
DG  P     "O5'"  sing N N 40  
DG  OP2   HOP2   sing N N 41  
DG  "O5'" "C5'"  sing N N 42  
DG  "C5'" "C4'"  sing N N 43  
DG  "C5'" "H5'"  sing N N 44  
DG  "C5'" "H5''" sing N N 45  
DG  "C4'" "O4'"  sing N N 46  
DG  "C4'" "C3'"  sing N N 47  
DG  "C4'" "H4'"  sing N N 48  
DG  "O4'" "C1'"  sing N N 49  
DG  "C3'" "O3'"  sing N N 50  
DG  "C3'" "C2'"  sing N N 51  
DG  "C3'" "H3'"  sing N N 52  
DG  "O3'" "HO3'" sing N N 53  
DG  "C2'" "C1'"  sing N N 54  
DG  "C2'" "H2'"  sing N N 55  
DG  "C2'" "H2''" sing N N 56  
DG  "C1'" N9     sing N N 57  
DG  "C1'" "H1'"  sing N N 58  
DG  N9    C8     sing Y N 59  
DG  N9    C4     sing Y N 60  
DG  C8    N7     doub Y N 61  
DG  C8    H8     sing N N 62  
DG  N7    C5     sing Y N 63  
DG  C5    C6     sing N N 64  
DG  C5    C4     doub Y N 65  
DG  C6    O6     doub N N 66  
DG  C6    N1     sing N N 67  
DG  N1    C2     sing N N 68  
DG  N1    H1     sing N N 69  
DG  C2    N2     sing N N 70  
DG  C2    N3     doub N N 71  
DG  N2    H21    sing N N 72  
DG  N2    H22    sing N N 73  
DG  N3    C4     sing N N 74  
DM1 C1    C2     doub Y N 75  
DM1 C1    C20    sing Y N 76  
DM1 C1    H1     sing N N 77  
DM1 C2    C3     sing Y N 78  
DM1 C2    H2     sing N N 79  
DM1 C3    C4     doub Y N 80  
DM1 C3    H3     sing N N 81  
DM1 C4    O4     sing N N 82  
DM1 C4    C5     sing Y N 83  
DM1 O4    C21    sing N N 84  
DM1 C5    C6     sing N N 85  
DM1 C5    C20    doub Y N 86  
DM1 C6    O6     doub N N 87  
DM1 C6    C7     sing N N 88  
DM1 C7    C8     doub Y N 89  
DM1 C7    C18    sing Y N 90  
DM1 C8    O8     sing N N 91  
DM1 C8    C9     sing Y N 92  
DM1 O8    HO8    sing N N 93  
DM1 C9    C10    sing N N 94  
DM1 C9    C16    doub Y N 95  
DM1 C10   O10    sing N N 96  
DM1 C10   C11    sing N N 97  
DM1 C10   H10    sing N N 98  
DM1 O10   "C1'"  sing N N 99  
DM1 C11   C12    sing N N 100 
DM1 C11   H111   sing N N 101 
DM1 C11   H112   sing N N 102 
DM1 C12   O12    sing N N 103 
DM1 C12   C13    sing N N 104 
DM1 C12   C15    sing N N 105 
DM1 O12   HO12   sing N N 106 
DM1 C13   O13    doub N N 107 
DM1 C13   C14    sing N N 108 
DM1 C14   H141   sing N N 109 
DM1 C14   H142   sing N N 110 
DM1 C14   H143   sing N N 111 
DM1 C15   C16    sing N N 112 
DM1 C15   H151   sing N N 113 
DM1 C15   H152   sing N N 114 
DM1 C16   C17    sing Y N 115 
DM1 C17   O17    sing N N 116 
DM1 C17   C18    doub Y N 117 
DM1 O17   HO17   sing N N 118 
DM1 C18   C19    sing N N 119 
DM1 C19   O19    doub N N 120 
DM1 C19   C20    sing N N 121 
DM1 C21   H211   sing N N 122 
DM1 C21   H212   sing N N 123 
DM1 C21   H213   sing N N 124 
DM1 "C1'" "C2'"  sing N N 125 
DM1 "C1'" "O5'"  sing N N 126 
DM1 "C1'" "H1'"  sing N N 127 
DM1 "C2'" "C3'"  sing N N 128 
DM1 "C2'" "H2'1" sing N N 129 
DM1 "C2'" "H2'2" sing N N 130 
DM1 "C3'" "N3'"  sing N N 131 
DM1 "C3'" "C4'"  sing N N 132 
DM1 "C3'" "H3'"  sing N N 133 
DM1 "N3'" "HN'1" sing N N 134 
DM1 "N3'" "HN'2" sing N N 135 
DM1 "C4'" "O4'"  sing N N 136 
DM1 "C4'" "C5'"  sing N N 137 
DM1 "C4'" "H4'"  sing N N 138 
DM1 "O4'" "HO4'" sing N N 139 
DM1 "C5'" "O5'"  sing N N 140 
DM1 "C5'" "C6'"  sing N N 141 
DM1 "C5'" "H5'"  sing N N 142 
DM1 "C6'" "H6'1" sing N N 143 
DM1 "C6'" "H6'2" sing N N 144 
DM1 "C6'" "H6'3" sing N N 145 
HOH O     H1     sing N N 146 
HOH O     H2     sing N N 147 
# 
_ndb_struct_conf_na.entry_id   110D 
_ndb_struct_conf_na.feature    'b-form double helix' 
# 
loop_
_ndb_struct_na_base_pair.model_number 
_ndb_struct_na_base_pair.i_label_asym_id 
_ndb_struct_na_base_pair.i_label_comp_id 
_ndb_struct_na_base_pair.i_label_seq_id 
_ndb_struct_na_base_pair.i_symmetry 
_ndb_struct_na_base_pair.j_label_asym_id 
_ndb_struct_na_base_pair.j_label_comp_id 
_ndb_struct_na_base_pair.j_label_seq_id 
_ndb_struct_na_base_pair.j_symmetry 
_ndb_struct_na_base_pair.shear 
_ndb_struct_na_base_pair.stretch 
_ndb_struct_na_base_pair.stagger 
_ndb_struct_na_base_pair.buckle 
_ndb_struct_na_base_pair.propeller 
_ndb_struct_na_base_pair.opening 
_ndb_struct_na_base_pair.pair_number 
_ndb_struct_na_base_pair.pair_name 
_ndb_struct_na_base_pair.i_auth_asym_id 
_ndb_struct_na_base_pair.i_auth_seq_id 
_ndb_struct_na_base_pair.i_PDB_ins_code 
_ndb_struct_na_base_pair.j_auth_asym_id 
_ndb_struct_na_base_pair.j_auth_seq_id 
_ndb_struct_na_base_pair.j_PDB_ins_code 
_ndb_struct_na_base_pair.hbond_type_28 
_ndb_struct_na_base_pair.hbond_type_12 
1 A DC 1 1_555 A DG 6 8_555 0.550  -0.539 0.053  7.831   1.780  -1.018 1 A_DC1:DG6_A A 1 ? A 6 ? 19 1 
1 A DG 2 1_555 A DC 5 8_555 0.089  -0.451 -0.096 -12.660 7.121  -4.939 2 A_DG2:DC5_A A 2 ? A 5 ? 19 1 
1 A DG 3 1_555 A DC 4 8_555 -0.390 -0.215 0.216  0.023   -6.976 -4.039 3 A_DG3:DC4_A A 3 ? A 4 ? 19 1 
1 A DC 4 1_555 A DG 3 8_555 0.390  -0.215 0.216  -0.023  -6.976 -4.039 4 A_DC4:DG3_A A 4 ? A 3 ? 19 1 
1 A DC 5 1_555 A DG 2 8_555 -0.089 -0.451 -0.096 12.660  7.121  -4.939 5 A_DC5:DG2_A A 5 ? A 2 ? 19 1 
1 A DG 6 1_555 A DC 1 8_555 -0.550 -0.539 0.053  -7.831  1.780  -1.018 6 A_DG6:DC1_A A 6 ? A 1 ? 19 1 
# 
loop_
_ndb_struct_na_base_pair_step.model_number 
_ndb_struct_na_base_pair_step.i_label_asym_id_1 
_ndb_struct_na_base_pair_step.i_label_comp_id_1 
_ndb_struct_na_base_pair_step.i_label_seq_id_1 
_ndb_struct_na_base_pair_step.i_symmetry_1 
_ndb_struct_na_base_pair_step.j_label_asym_id_1 
_ndb_struct_na_base_pair_step.j_label_comp_id_1 
_ndb_struct_na_base_pair_step.j_label_seq_id_1 
_ndb_struct_na_base_pair_step.j_symmetry_1 
_ndb_struct_na_base_pair_step.i_label_asym_id_2 
_ndb_struct_na_base_pair_step.i_label_comp_id_2 
_ndb_struct_na_base_pair_step.i_label_seq_id_2 
_ndb_struct_na_base_pair_step.i_symmetry_2 
_ndb_struct_na_base_pair_step.j_label_asym_id_2 
_ndb_struct_na_base_pair_step.j_label_comp_id_2 
_ndb_struct_na_base_pair_step.j_label_seq_id_2 
_ndb_struct_na_base_pair_step.j_symmetry_2 
_ndb_struct_na_base_pair_step.shift 
_ndb_struct_na_base_pair_step.slide 
_ndb_struct_na_base_pair_step.rise 
_ndb_struct_na_base_pair_step.tilt 
_ndb_struct_na_base_pair_step.roll 
_ndb_struct_na_base_pair_step.twist 
_ndb_struct_na_base_pair_step.x_displacement 
_ndb_struct_na_base_pair_step.y_displacement 
_ndb_struct_na_base_pair_step.helical_rise 
_ndb_struct_na_base_pair_step.inclination 
_ndb_struct_na_base_pair_step.tip 
_ndb_struct_na_base_pair_step.helical_twist 
_ndb_struct_na_base_pair_step.step_number 
_ndb_struct_na_base_pair_step.step_name 
_ndb_struct_na_base_pair_step.i_auth_asym_id_1 
_ndb_struct_na_base_pair_step.i_auth_seq_id_1 
_ndb_struct_na_base_pair_step.i_PDB_ins_code_1 
_ndb_struct_na_base_pair_step.j_auth_asym_id_1 
_ndb_struct_na_base_pair_step.j_auth_seq_id_1 
_ndb_struct_na_base_pair_step.j_PDB_ins_code_1 
_ndb_struct_na_base_pair_step.i_auth_asym_id_2 
_ndb_struct_na_base_pair_step.i_auth_seq_id_2 
_ndb_struct_na_base_pair_step.i_PDB_ins_code_2 
_ndb_struct_na_base_pair_step.j_auth_asym_id_2 
_ndb_struct_na_base_pair_step.j_auth_seq_id_2 
_ndb_struct_na_base_pair_step.j_PDB_ins_code_2 
1 A DC 1 1_555 A DG 6 8_555 A DG 2 1_555 A DC 5 8_555 0.724  0.929  7.018 0.380  -1.941 34.532 2.203  -1.092 6.965 -3.267 -0.639  
34.587 1 AA_DC1DG2:DC5DG6_AA A 1 ? A 6 ? A 2 ? A 5 ? 
1 A DG 2 1_555 A DC 5 8_555 A DG 3 1_555 A DC 4 8_555 -1.478 0.811  3.072 -5.184 5.443  24.553 0.269  1.846  3.405 12.431 11.841  
25.660 2 AA_DG2DG3:DC4DC5_AA A 2 ? A 5 ? A 3 ? A 4 ? 
1 A DG 3 1_555 A DC 4 8_555 A DC 4 1_555 A DG 3 8_555 0.000  -0.255 3.476 0.000  -2.985 39.321 -0.002 0.000  3.485 -4.428 0.000   
39.430 3 AA_DG3DC4:DG3DC4_AA A 3 ? A 4 ? A 4 ? A 3 ? 
1 A DC 4 1_555 A DG 3 8_555 A DC 5 1_555 A DG 2 8_555 1.478  0.811  3.072 5.184  5.443  24.553 0.269  -1.846 3.405 12.431 -11.841 
25.660 4 AA_DC4DC5:DG2DG3_AA A 4 ? A 3 ? A 5 ? A 2 ? 
1 A DC 5 1_555 A DG 2 8_555 A DG 6 1_555 A DC 1 8_555 -0.724 0.929  7.018 -0.380 -1.941 34.532 2.203  1.092  6.965 -3.267 0.639   
34.587 5 AA_DC5DG6:DC1DG2_AA A 5 ? A 2 ? A 6 ? A 1 ? 
# 
_atom_sites.entry_id                    110D 
_atom_sites.fract_transf_matrix[1][1]   -0.01900684 
_atom_sites.fract_transf_matrix[1][2]   -0.01023952 
_atom_sites.fract_transf_matrix[1][3]   0.02833783 
_atom_sites.fract_transf_matrix[2][1]   -0.02953325 
_atom_sites.fract_transf_matrix[2][2]   -0.00028617 
_atom_sites.fract_transf_matrix[2][3]   -0.01991205 
_atom_sites.fract_transf_matrix[3][1]   0.00313147 
_atom_sites.fract_transf_matrix[3][2]   -0.01795243 
_atom_sites.fract_transf_matrix[3][3]   -0.00438654 
_atom_sites.fract_transf_vector[1]      -0.388648 
_atom_sites.fract_transf_vector[2]      0.550995 
_atom_sites.fract_transf_vector[3]      0.218892 
# 
loop_
_atom_type.symbol 
C 
N 
O 
P 
# 
loop_
_atom_site.group_PDB 
_atom_site.id 
_atom_site.type_symbol 
_atom_site.label_atom_id 
_atom_site.label_alt_id 
_atom_site.label_comp_id 
_atom_site.label_asym_id 
_atom_site.label_entity_id 
_atom_site.label_seq_id 
_atom_site.pdbx_PDB_ins_code 
_atom_site.Cartn_x 
_atom_site.Cartn_y 
_atom_site.Cartn_z 
_atom_site.occupancy 
_atom_site.B_iso_or_equiv 
_atom_site.pdbx_formal_charge 
_atom_site.auth_seq_id 
_atom_site.auth_comp_id 
_atom_site.auth_asym_id 
_atom_site.auth_atom_id 
_atom_site.pdbx_PDB_model_num 
ATOM   1   O "O5'" . DC  A 1 1 ? 2.154  -8.743  -11.922 1.00 33.16 ? 1  DC  A "O5'" 1 
ATOM   2   C "C5'" . DC  A 1 1 ? 1.113  -9.763  -11.862 1.00 45.58 ? 1  DC  A "C5'" 1 
ATOM   3   C "C4'" . DC  A 1 1 ? 1.169  -10.264 -10.435 1.00 31.91 ? 1  DC  A "C4'" 1 
ATOM   4   O "O4'" . DC  A 1 1 ? 2.363  -10.827 -9.994  1.00 34.69 ? 1  DC  A "O4'" 1 
ATOM   5   C "C3'" . DC  A 1 1 ? 0.779  -9.241  -9.365  1.00 51.36 ? 1  DC  A "C3'" 1 
ATOM   6   O "O3'" . DC  A 1 1 ? -0.565 -9.252  -9.183  1.00 63.33 ? 1  DC  A "O3'" 1 
ATOM   7   C "C2'" . DC  A 1 1 ? 1.697  -9.502  -8.187  1.00 44.64 ? 1  DC  A "C2'" 1 
ATOM   8   C "C1'" . DC  A 1 1 ? 2.495  -10.736 -8.539  1.00 21.42 ? 1  DC  A "C1'" 1 
ATOM   9   N N1    . DC  A 1 1 ? 3.900  -10.679 -8.182  1.00 16.02 ? 1  DC  A N1    1 
ATOM   10  C C2    . DC  A 1 1 ? 4.291  -11.152 -6.944  1.00 12.97 ? 1  DC  A C2    1 
ATOM   11  O O2    . DC  A 1 1 ? 3.538  -11.605 -6.106  1.00 14.18 ? 1  DC  A O2    1 
ATOM   12  N N3    . DC  A 1 1 ? 5.600  -11.087 -6.597  1.00 6.27  ? 1  DC  A N3    1 
ATOM   13  C C4    . DC  A 1 1 ? 6.541  -10.651 -7.506  1.00 5.01  ? 1  DC  A C4    1 
ATOM   14  N N4    . DC  A 1 1 ? 7.824  -10.670 -7.195  1.00 5.11  ? 1  DC  A N4    1 
ATOM   15  C C5    . DC  A 1 1 ? 6.149  -10.187 -8.794  1.00 24.25 ? 1  DC  A C5    1 
ATOM   16  C C6    . DC  A 1 1 ? 4.853  -10.218 -9.067  1.00 26.82 ? 1  DC  A C6    1 
ATOM   17  P P     . DG  A 1 2 ? -1.932 -8.593  -8.933  1.00 75.83 ? 2  DG  A P     1 
ATOM   18  O OP1   . DG  A 1 2 ? -2.898 -9.757  -8.986  1.00 65.44 ? 2  DG  A OP1   1 
ATOM   19  O OP2   . DG  A 1 2 ? -2.396 -7.576  -9.961  1.00 69.51 ? 2  DG  A OP2   1 
ATOM   20  O "O5'" . DG  A 1 2 ? -1.682 -7.921  -7.471  1.00 58.22 ? 2  DG  A "O5'" 1 
ATOM   21  C "C5'" . DG  A 1 2 ? -1.759 -8.644  -6.256  1.00 33.03 ? 2  DG  A "C5'" 1 
ATOM   22  C "C4'" . DG  A 1 2 ? -1.593 -7.690  -5.091  1.00 22.35 ? 2  DG  A "C4'" 1 
ATOM   23  O "O4'" . DG  A 1 2 ? -0.263 -7.319  -5.204  1.00 21.87 ? 2  DG  A "O4'" 1 
ATOM   24  C "C3'" . DG  A 1 2 ? -2.364 -6.379  -5.035  1.00 32.60 ? 2  DG  A "C3'" 1 
ATOM   25  O "O3'" . DG  A 1 2 ? -2.763 -6.109  -3.670  1.00 48.60 ? 2  DG  A "O3'" 1 
ATOM   26  C "C2'" . DG  A 1 2 ? -1.383 -5.354  -5.680  1.00 21.39 ? 2  DG  A "C2'" 1 
ATOM   27  C "C1'" . DG  A 1 2 ? -0.145 -5.908  -4.968  1.00 24.79 ? 2  DG  A "C1'" 1 
ATOM   28  N N9    . DG  A 1 2 ? 1.188  -5.503  -5.400  1.00 12.46 ? 2  DG  A N9    1 
ATOM   29  C C8    . DG  A 1 2 ? 1.598  -5.114  -6.632  1.00 14.49 ? 2  DG  A C8    1 
ATOM   30  N N7    . DG  A 1 2 ? 2.882  -4.809  -6.642  1.00 15.19 ? 2  DG  A N7    1 
ATOM   31  C C5    . DG  A 1 2 ? 3.381  -4.975  -5.382  1.00 4.73  ? 2  DG  A C5    1 
ATOM   32  C C6    . DG  A 1 2 ? 4.631  -4.802  -4.788  1.00 9.56  ? 2  DG  A C6    1 
ATOM   33  O O6    . DG  A 1 2 ? 5.612  -4.404  -5.373  1.00 6.46  ? 2  DG  A O6    1 
ATOM   34  N N1    . DG  A 1 2 ? 4.757  -5.102  -3.468  1.00 7.94  ? 2  DG  A N1    1 
ATOM   35  C C2    . DG  A 1 2 ? 3.628  -5.533  -2.786  1.00 2.34  ? 2  DG  A C2    1 
ATOM   36  N N2    . DG  A 1 2 ? 3.777  -5.830  -1.483  1.00 2.00  ? 2  DG  A N2    1 
ATOM   37  N N3    . DG  A 1 2 ? 2.410  -5.721  -3.273  1.00 20.84 ? 2  DG  A N3    1 
ATOM   38  C C4    . DG  A 1 2 ? 2.343  -5.432  -4.592  1.00 17.35 ? 2  DG  A C4    1 
ATOM   39  P P     . DG  A 1 3 ? -4.175 -5.426  -3.412  1.00 54.31 ? 3  DG  A P     1 
ATOM   40  O OP1   . DG  A 1 3 ? -5.182 -5.975  -4.391  1.00 16.66 ? 3  DG  A OP1   1 
ATOM   41  O OP2   . DG  A 1 3 ? -3.910 -3.969  -3.600  1.00 69.40 ? 3  DG  A OP2   1 
ATOM   42  O "O5'" . DG  A 1 3 ? -4.730 -5.827  -2.011  1.00 23.11 ? 3  DG  A "O5'" 1 
ATOM   43  C "C5'" . DG  A 1 3 ? -3.971 -6.806  -1.289  1.00 15.18 ? 3  DG  A "C5'" 1 
ATOM   44  C "C4'" . DG  A 1 3 ? -3.364 -6.019  -0.132  1.00 27.56 ? 3  DG  A "C4'" 1 
ATOM   45  O "O4'" . DG  A 1 3 ? -2.044 -5.629  -0.513  1.00 20.36 ? 3  DG  A "O4'" 1 
ATOM   46  C "C3'" . DG  A 1 3 ? -4.092 -4.741  0.276   1.00 15.85 ? 3  DG  A "C3'" 1 
ATOM   47  O "O3'" . DG  A 1 3 ? -4.035 -4.579  1.654   1.00 28.99 ? 3  DG  A "O3'" 1 
ATOM   48  C "C2'" . DG  A 1 3 ? -3.268 -3.624  -0.451  1.00 23.83 ? 3  DG  A "C2'" 1 
ATOM   49  C "C1'" . DG  A 1 3 ? -1.882 -4.199  -0.347  1.00 15.37 ? 3  DG  A "C1'" 1 
ATOM   50  N N9    . DG  A 1 3 ? -1.008 -3.616  -1.377  1.00 10.44 ? 3  DG  A N9    1 
ATOM   51  C C8    . DG  A 1 3 ? -1.174 -3.314  -2.661  1.00 8.67  ? 3  DG  A C8    1 
ATOM   52  N N7    . DG  A 1 3 ? -0.073 -2.832  -3.283  1.00 6.41  ? 3  DG  A N7    1 
ATOM   53  C C5    . DG  A 1 3 ? 0.887  -2.869  -2.286  1.00 12.31 ? 3  DG  A C5    1 
ATOM   54  C C6    . DG  A 1 3 ? 2.253  -2.512  -2.316  1.00 8.94  ? 3  DG  A C6    1 
ATOM   55  O O6    . DG  A 1 3 ? 3.016  -2.047  -3.175  1.00 14.38 ? 3  DG  A O6    1 
ATOM   56  N N1    . DG  A 1 3 ? 2.861  -2.778  -1.112  1.00 2.00  ? 3  DG  A N1    1 
ATOM   57  C C2    . DG  A 1 3 ? 2.209  -3.221  -0.012  1.00 7.33  ? 3  DG  A C2    1 
ATOM   58  N N2    . DG  A 1 3 ? 3.021  -3.284  1.004   1.00 2.00  ? 3  DG  A N2    1 
ATOM   59  N N3    . DG  A 1 3 ? 0.963  -3.568  0.082   1.00 12.94 ? 3  DG  A N3    1 
ATOM   60  C C4    . DG  A 1 3 ? 0.351  -3.356  -1.106  1.00 12.53 ? 3  DG  A C4    1 
ATOM   61  P P     . DC  A 1 4 ? -4.923 -3.724  2.648   1.00 27.47 ? 4  DC  A P     1 
ATOM   62  O OP1   . DC  A 1 4 ? -5.126 -4.861  3.693   1.00 11.86 ? 4  DC  A OP1   1 
ATOM   63  O OP2   . DC  A 1 4 ? -6.127 -3.302  1.958   1.00 33.52 ? 4  DC  A OP2   1 
ATOM   64  O "O5'" . DC  A 1 4 ? -3.827 -2.807  3.396   1.00 19.02 ? 4  DC  A "O5'" 1 
ATOM   65  C "C5'" . DC  A 1 4 ? -2.993 -3.415  4.432   1.00 9.30  ? 4  DC  A "C5'" 1 
ATOM   66  C "C4'" . DC  A 1 4 ? -1.763 -2.565  4.474   1.00 22.38 ? 4  DC  A "C4'" 1 
ATOM   67  O "O4'" . DC  A 1 4 ? -1.194 -2.395  3.230   1.00 19.58 ? 4  DC  A "O4'" 1 
ATOM   68  C "C3'" . DC  A 1 4 ? -2.134 -1.154  4.908   1.00 41.63 ? 4  DC  A "C3'" 1 
ATOM   69  O "O3'" . DC  A 1 4 ? -1.689 -1.003  6.249   1.00 62.12 ? 4  DC  A "O3'" 1 
ATOM   70  C "C2'" . DC  A 1 4 ? -1.422 -0.256  3.949   1.00 29.96 ? 4  DC  A "C2'" 1 
ATOM   71  C "C1'" . DC  A 1 4 ? -0.435 -1.161  3.232   1.00 9.37  ? 4  DC  A "C1'" 1 
ATOM   72  N N1    . DC  A 1 4 ? -0.239 -0.659  1.844   1.00 17.15 ? 4  DC  A N1    1 
ATOM   73  C C2    . DC  A 1 4 ? 1.035  -0.253  1.405   1.00 7.04  ? 4  DC  A C2    1 
ATOM   74  O O2    . DC  A 1 4 ? 2.051  -0.288  2.138   1.00 21.58 ? 4  DC  A O2    1 
ATOM   75  N N3    . DC  A 1 4 ? 1.192  0.228   0.096   1.00 5.28  ? 4  DC  A N3    1 
ATOM   76  C C4    . DC  A 1 4 ? 0.118  0.281   -0.724  1.00 2.00  ? 4  DC  A C4    1 
ATOM   77  N N4    . DC  A 1 4 ? 0.288  0.759   -1.945  1.00 16.96 ? 4  DC  A N4    1 
ATOM   78  C C5    . DC  A 1 4 ? -1.137 -0.108  -0.232  1.00 4.22  ? 4  DC  A C5    1 
ATOM   79  C C6    . DC  A 1 4 ? -1.254 -0.569  0.998   1.00 12.02 ? 4  DC  A C6    1 
ATOM   80  P P     . DC  A 1 5 ? -2.495 -0.109  7.326   1.00 47.78 ? 5  DC  A P     1 
ATOM   81  O OP1   . DC  A 1 5 ? -2.223 -0.664  8.653   1.00 59.71 ? 5  DC  A OP1   1 
ATOM   82  O OP2   . DC  A 1 5 ? -3.934 -0.248  6.936   1.00 62.69 ? 5  DC  A OP2   1 
ATOM   83  O "O5'" . DC  A 1 5 ? -1.858 1.315   7.058   1.00 48.62 ? 5  DC  A "O5'" 1 
ATOM   84  C "C5'" . DC  A 1 5 ? -0.586 1.617   7.709   1.00 35.27 ? 5  DC  A "C5'" 1 
ATOM   85  C "C4'" . DC  A 1 5 ? -0.029 2.661   6.752   1.00 16.85 ? 5  DC  A "C4'" 1 
ATOM   86  O "O4'" . DC  A 1 5 ? -0.368 2.104   5.462   1.00 35.13 ? 5  DC  A "O4'" 1 
ATOM   87  C "C3'" . DC  A 1 5 ? -0.725 4.015   6.756   1.00 29.47 ? 5  DC  A "C3'" 1 
ATOM   88  O "O3'" . DC  A 1 5 ? 0.098  5.175   6.885   1.00 23.41 ? 5  DC  A "O3'" 1 
ATOM   89  C "C2'" . DC  A 1 5 ? -1.559 3.964   5.462   1.00 14.93 ? 5  DC  A "C2'" 1 
ATOM   90  C "C1'" . DC  A 1 5 ? -0.501 3.238   4.601   1.00 5.42  ? 5  DC  A "C1'" 1 
ATOM   91  N N1    . DC  A 1 5 ? -0.865 3.147   3.191   1.00 11.14 ? 5  DC  A N1    1 
ATOM   92  C C2    . DC  A 1 5 ? 0.166  3.371   2.235   1.00 7.75  ? 5  DC  A C2    1 
ATOM   93  O O2    . DC  A 1 5 ? 1.386  3.565   2.516   1.00 15.37 ? 5  DC  A O2    1 
ATOM   94  N N3    . DC  A 1 5 ? -0.211 3.314   0.921   1.00 8.62  ? 5  DC  A N3    1 
ATOM   95  C C4    . DC  A 1 5 ? -1.422 3.060   0.548   1.00 3.00  ? 5  DC  A C4    1 
ATOM   96  N N4    . DC  A 1 5 ? -1.688 3.070   -0.755  1.00 7.52  ? 5  DC  A N4    1 
ATOM   97  C C5    . DC  A 1 5 ? -2.478 2.848   1.528   1.00 4.57  ? 5  DC  A C5    1 
ATOM   98  C C6    . DC  A 1 5 ? -2.155 2.877   2.828   1.00 5.04  ? 5  DC  A C6    1 
ATOM   99  P P     . DG  A 1 6 ? 0.310  5.839   8.399   1.00 23.74 ? 6  DG  A P     1 
ATOM   100 O OP1   . DG  A 1 6 ? 1.088  4.928   9.351   1.00 42.39 ? 6  DG  A OP1   1 
ATOM   101 O OP2   . DG  A 1 6 ? -0.975 6.310   8.861   1.00 10.84 ? 6  DG  A OP2   1 
ATOM   102 O "O5'" . DG  A 1 6 ? 1.402  6.932   7.827   1.00 22.53 ? 6  DG  A "O5'" 1 
ATOM   103 C "C5'" . DG  A 1 6 ? 2.778  6.717   8.255   1.00 42.63 ? 6  DG  A "C5'" 1 
ATOM   104 C "C4'" . DG  A 1 6 ? 3.201  8.187   7.989   1.00 45.74 ? 6  DG  A "C4'" 1 
ATOM   105 O "O4'" . DG  A 1 6 ? 2.886  8.261   6.592   1.00 29.19 ? 6  DG  A "O4'" 1 
ATOM   106 C "C3'" . DG  A 1 6 ? 2.202  9.175   8.612   1.00 46.79 ? 6  DG  A "C3'" 1 
ATOM   107 O "O3'" . DG  A 1 6 ? 2.297  9.467   9.992   1.00 53.97 ? 6  DG  A "O3'" 1 
ATOM   108 C "C2'" . DG  A 1 6 ? 2.309  10.326  7.628   1.00 35.66 ? 6  DG  A "C2'" 1 
ATOM   109 C "C1'" . DG  A 1 6 ? 2.504  9.633   6.291   1.00 22.35 ? 6  DG  A "C1'" 1 
ATOM   110 N N9    . DG  A 1 6 ? 1.333  9.607   5.380   1.00 9.59  ? 6  DG  A N9    1 
ATOM   111 C C8    . DG  A 1 6 ? 0.060  9.270   5.738   1.00 2.00  ? 6  DG  A C8    1 
ATOM   112 N N7    . DG  A 1 6 ? -0.778 9.331   4.754   1.00 12.93 ? 6  DG  A N7    1 
ATOM   113 C C5    . DG  A 1 6 ? 0.009  9.758   3.657   1.00 7.35  ? 6  DG  A C5    1 
ATOM   114 C C6    . DG  A 1 6 ? -0.334 9.998   2.293   1.00 5.47  ? 6  DG  A C6    1 
ATOM   115 O O6    . DG  A 1 6 ? -1.410 9.873   1.692   1.00 10.55 ? 6  DG  A O6    1 
ATOM   116 N N1    . DG  A 1 6 ? 0.746  10.383  1.534   1.00 14.41 ? 6  DG  A N1    1 
ATOM   117 C C2    . DG  A 1 6 ? 1.997  10.545  2.038   1.00 2.00  ? 6  DG  A C2    1 
ATOM   118 N N2    . DG  A 1 6 ? 2.965  10.957  1.249   1.00 5.70  ? 6  DG  A N2    1 
ATOM   119 N N3    . DG  A 1 6 ? 2.297  10.315  3.333   1.00 4.38  ? 6  DG  A N3    1 
ATOM   120 C C4    . DG  A 1 6 ? 1.275  9.927   4.052   1.00 2.15  ? 6  DG  A C4    1 
HETATM 121 C C1    . DM1 B 2 . ? -3.051 6.461   -1.153  1.00 6.70  ? 7  DM1 A C1    1 
HETATM 122 C C2    . DM1 B 2 . ? -4.303 6.107   -0.572  1.00 18.47 ? 7  DM1 A C2    1 
HETATM 123 C C3    . DM1 B 2 . ? -4.459 5.897   0.743   1.00 25.90 ? 7  DM1 A C3    1 
HETATM 124 C C4    . DM1 B 2 . ? -3.349 6.029   1.610   1.00 26.46 ? 7  DM1 A C4    1 
HETATM 125 O O4    . DM1 B 2 . ? -3.482 5.899   2.914   1.00 27.22 ? 7  DM1 A O4    1 
HETATM 126 C C5    . DM1 B 2 . ? -2.077 6.385   1.060   1.00 19.40 ? 7  DM1 A C5    1 
HETATM 127 C C6    . DM1 B 2 . ? -0.921 6.553   1.908   1.00 2.00  ? 7  DM1 A C6    1 
HETATM 128 O O6    . DM1 B 2 . ? -1.016 6.462   3.145   1.00 18.84 ? 7  DM1 A O6    1 
HETATM 129 C C7    . DM1 B 2 . ? 0.338  6.915   1.231   1.00 3.59  ? 7  DM1 A C7    1 
HETATM 130 C C8    . DM1 B 2 . ? 1.476  7.072   2.016   1.00 12.48 ? 7  DM1 A C8    1 
HETATM 131 O O8    . DM1 B 2 . ? 1.474  7.020   3.390   1.00 17.33 ? 7  DM1 A O8    1 
HETATM 132 C C9    . DM1 B 2 . ? 2.696  7.457   1.382   1.00 9.72  ? 7  DM1 A C9    1 
HETATM 133 C C10   . DM1 B 2 . ? 3.922  7.430   2.279   1.00 11.64 ? 7  DM1 A C10   1 
HETATM 134 O O10   . DM1 B 2 . ? 3.691  6.158   2.917   1.00 25.47 ? 7  DM1 A O10   1 
HETATM 135 C C11   . DM1 B 2 . ? 5.203  7.882   1.498   1.00 20.27 ? 7  DM1 A C11   1 
HETATM 136 C C12   . DM1 B 2 . ? 5.493  7.656   -0.034  1.00 18.74 ? 7  DM1 A C12   1 
HETATM 137 O O12   . DM1 B 2 . ? 5.325  6.206   0.127   1.00 33.94 ? 7  DM1 A O12   1 
HETATM 138 C C13   . DM1 B 2 . ? 6.633  8.291   -0.840  1.00 10.36 ? 7  DM1 A C13   1 
HETATM 139 O O13   . DM1 B 2 . ? 6.489  9.114   -1.758  1.00 20.60 ? 7  DM1 A O13   1 
HETATM 140 C C14   . DM1 B 2 . ? 7.886  7.836   -0.202  1.00 4.91  ? 7  DM1 A C14   1 
HETATM 141 C C15   . DM1 B 2 . ? 4.110  7.902   -0.682  1.00 13.25 ? 7  DM1 A C15   1 
HETATM 142 C C16   . DM1 B 2 . ? 2.818  7.658   0.057   1.00 12.01 ? 7  DM1 A C16   1 
HETATM 143 C C17   . DM1 B 2 . ? 1.667  7.487   -0.774  1.00 18.61 ? 7  DM1 A C17   1 
HETATM 144 O O17   . DM1 B 2 . ? 1.832  7.629   -2.104  1.00 20.29 ? 7  DM1 A O17   1 
HETATM 145 C C18   . DM1 B 2 . ? 0.443  7.140   -0.138  1.00 15.20 ? 7  DM1 A C18   1 
HETATM 146 C C19   . DM1 B 2 . ? -0.719 6.973   -1.009  1.00 10.58 ? 7  DM1 A C19   1 
HETATM 147 O O19   . DM1 B 2 . ? -0.621 7.070   -2.254  1.00 17.03 ? 7  DM1 A O19   1 
HETATM 148 C C20   . DM1 B 2 . ? -1.985 6.582   -0.295  1.00 16.51 ? 7  DM1 A C20   1 
HETATM 149 C C21   . DM1 B 2 . ? -4.793 5.531   3.464   1.00 29.21 ? 7  DM1 A C21   1 
HETATM 150 C "C1'" . DM1 B 2 . ? 4.303  6.089   4.164   1.00 32.49 ? 7  DM1 A "C1'" 1 
HETATM 151 C "C2'" . DM1 B 2 . ? 4.276  4.575   4.296   1.00 43.28 ? 7  DM1 A "C2'" 1 
HETATM 152 C "C3'" . DM1 B 2 . ? 5.398  3.982   3.424   1.00 41.62 ? 7  DM1 A "C3'" 1 
HETATM 153 N "N3'" . DM1 B 2 . ? 5.263  2.502   3.409   1.00 55.77 ? 7  DM1 A "N3'" 1 
HETATM 154 C "C4'" . DM1 B 2 . ? 6.674  4.445   4.101   1.00 52.51 ? 7  DM1 A "C4'" 1 
HETATM 155 O "O4'" . DM1 B 2 . ? 6.960  3.674   5.250   1.00 56.38 ? 7  DM1 A "O4'" 1 
HETATM 156 C "C5'" . DM1 B 2 . ? 6.790  5.934   4.064   1.00 54.71 ? 7  DM1 A "C5'" 1 
HETATM 157 O "O5'" . DM1 B 2 . ? 5.589  6.668   4.353   1.00 57.65 ? 7  DM1 A "O5'" 1 
HETATM 158 C "C6'" . DM1 B 2 . ? 7.881  6.502   5.048   1.00 42.32 ? 7  DM1 A "C6'" 1 
HETATM 159 O O     . HOH C 3 . ? -4.044 -8.990  1.487   1.00 20.71 ? 8  HOH A O     1 
HETATM 160 O O     . HOH C 3 . ? -4.513 -8.104  3.931   1.00 39.77 ? 9  HOH A O     1 
HETATM 161 O O     . HOH C 3 . ? -5.139 -8.569  -10.207 1.00 73.90 ? 10 HOH A O     1 
HETATM 162 O O     . HOH C 3 . ? -5.864 8.282   5.484   1.00 80.88 ? 11 HOH A O     1 
HETATM 163 O O     . HOH C 3 . ? 3.325  4.970   11.417  1.00 33.45 ? 12 HOH A O     1 
HETATM 164 O O     . HOH C 3 . ? -5.844 -4.643  6.483   1.00 66.63 ? 13 HOH A O     1 
HETATM 165 O O     . HOH C 3 . ? 3.789  -6.613  -10.472 1.00 62.30 ? 14 HOH A O     1 
HETATM 166 O O     . HOH C 3 . ? 7.027  -6.200  -10.486 1.00 78.98 ? 15 HOH A O     1 
HETATM 167 O O     . HOH C 3 . ? -7.059 -0.729  -5.498  1.00 57.11 ? 16 HOH A O     1 
HETATM 168 O O     . HOH C 3 . ? 3.111  3.373   9.390   1.00 35.93 ? 17 HOH A O     1 
HETATM 169 O O     . HOH C 3 . ? 3.903  1.509   8.328   1.00 29.27 ? 18 HOH A O     1 
HETATM 170 O O     . HOH C 3 . ? 2.972  -2.750  4.393   1.00 25.77 ? 19 HOH A O     1 
HETATM 171 O O     . HOH C 3 . ? 6.000  -8.973  -11.658 1.00 47.20 ? 20 HOH A O     1 
HETATM 172 O O     . HOH C 3 . ? 0.721  1.554   -5.005  1.00 77.65 ? 21 HOH A O     1 
HETATM 173 O O     . HOH C 3 . ? -9.807 -3.725  5.026   1.00 31.06 ? 22 HOH A O     1 
HETATM 174 O O     . HOH C 3 . ? -1.805 0.475   -3.804  1.00 36.78 ? 23 HOH A O     1 
HETATM 175 O O     . HOH C 3 . ? -7.463 5.307   -5.644  1.00 56.93 ? 24 HOH A O     1 
HETATM 176 O O     . HOH C 3 . ? -1.303 -6.084  8.582   1.00 37.15 ? 25 HOH A O     1 
HETATM 177 O O     . HOH C 3 . ? -1.021 -2.447  -8.861  1.00 59.23 ? 26 HOH A O     1 
HETATM 178 O O     . HOH C 3 . ? -6.010 1.769   3.378   1.00 29.66 ? 27 HOH A O     1 
HETATM 179 O O     . HOH C 3 . ? -4.926 -0.535  2.000   1.00 37.14 ? 28 HOH A O     1 
HETATM 180 O O     . HOH C 3 . ? 4.427  -4.186  -12.061 1.00 49.24 ? 29 HOH A O     1 
HETATM 181 O O     . HOH C 3 . ? -0.164 -1.937  -6.645  1.00 39.68 ? 30 HOH A O     1 
HETATM 182 O O     . HOH C 3 . ? 2.307  7.952   11.914  1.00 77.39 ? 31 HOH A O     1 
HETATM 183 O O     . HOH C 3 . ? -7.700 -13.603 -9.119  1.00 76.41 ? 32 HOH A O     1 
HETATM 184 O O     . HOH C 3 . ? -4.979 -9.564  -8.206  1.00 63.95 ? 33 HOH A O     1 
HETATM 185 O O     . HOH C 3 . ? 5.481  11.768  -2.374  1.00 61.02 ? 34 HOH A O     1 
HETATM 186 O O     . HOH C 3 . ? -3.583 0.918   -10.920 1.00 49.72 ? 35 HOH A O     1 
HETATM 187 O O     . HOH C 3 . ? -3.033 8.165   4.948   1.00 14.96 ? 36 HOH A O     1 
HETATM 188 O O     . HOH C 3 . ? -4.742 3.345   8.546   1.00 43.64 ? 37 HOH A O     1 
HETATM 189 O O     . HOH C 3 . ? -6.999 -0.548  6.501   1.00 72.07 ? 38 HOH A O     1 
HETATM 190 O O     . HOH C 3 . ? -0.025 -6.200  6.115   1.00 40.44 ? 39 HOH A O     1 
HETATM 191 O O     . HOH C 3 . ? 0.887  -1.824  12.680  1.00 49.88 ? 40 HOH A O     1 
HETATM 192 O O     . HOH C 3 . ? -4.978 2.105   5.840   1.00 56.44 ? 41 HOH A O     1 
HETATM 193 O O     . HOH C 3 . ? 1.010  2.096   -7.855  1.00 58.51 ? 42 HOH A O     1 
HETATM 194 O O     . HOH C 3 . ? -9.671 5.161   -6.666  1.00 46.51 ? 43 HOH A O     1 
HETATM 195 O O     . HOH C 3 . ? -5.254 -6.711  -8.728  1.00 56.31 ? 44 HOH A O     1 
HETATM 196 O O     . HOH C 3 . ? -0.526 -4.128  11.157  1.00 64.33 ? 45 HOH A O     1 
HETATM 197 O O     . HOH C 3 . ? -7.781 8.186   3.934   1.00 32.37 ? 46 HOH A O     1 
HETATM 198 O O     . HOH C 3 . ? -2.063 -6.753  4.485   1.00 38.37 ? 47 HOH A O     1 
HETATM 199 O O     . HOH C 3 . ? -5.679 3.892   -7.014  1.00 40.98 ? 48 HOH A O     1 
HETATM 200 O O     . HOH C 3 . ? -1.950 -3.182  -10.781 1.00 38.00 ? 49 HOH A O     1 
HETATM 201 O O     . HOH C 3 . ? 7.763  3.075   7.456   1.00 45.25 ? 50 HOH A O     1 
HETATM 202 O O     . HOH C 3 . ? -5.184 -13.397 -5.024  1.00 58.01 ? 51 HOH A O     1 
HETATM 203 O O     . HOH C 3 . ? -4.625 -4.267  -9.776  1.00 43.21 ? 52 HOH A O     1 
HETATM 204 O O     . HOH C 3 . ? 2.919  0.241   4.859   1.00 71.15 ? 53 HOH A O     1 
HETATM 205 O O     . HOH C 3 . ? -1.832 -12.900 -7.374  1.00 79.85 ? 54 HOH A O     1 
HETATM 206 O O     . HOH C 3 . ? -8.248 -2.825  6.513   1.00 95.39 ? 55 HOH A O     1 
HETATM 207 O O     . HOH C 3 . ? -6.398 5.508   -3.175  1.00 40.59 ? 56 HOH A O     1 
# 
